data_2JSK
#
_entry.id   2JSK
#
_cell.length_a   1.000
_cell.length_b   1.000
_cell.length_c   1.000
_cell.angle_alpha   90.00
_cell.angle_beta   90.00
_cell.angle_gamma   90.00
#
_symmetry.space_group_name_H-M   'P 1'
#
_entity_poly.entity_id   1
_entity_poly.type   'polydeoxyribonucleotide'
_entity_poly.pdbx_seq_one_letter_code
;(DT)(DA)(DG)(DG)(DG)(DT)(DT)(DA)(DG)(DG)(DG)(DT)(DT)(DA)(DG)(BGM)(DG)(DT)(DT)
(DA)(DG)(DG)(DG)
;
_entity_poly.pdbx_strand_id   A
#
loop_
_chem_comp.id
_chem_comp.type
_chem_comp.name
_chem_comp.formula
BGM DNA linking 8-BROMO-2'-DEOXYGUANOSINE-5'-MONOPHOSPHATE 'C10 H13 Br N5 O7 P'
DA DNA linking 2'-DEOXYADENOSINE-5'-MONOPHOSPHATE 'C10 H14 N5 O6 P'
DG DNA linking 2'-DEOXYGUANOSINE-5'-MONOPHOSPHATE 'C10 H14 N5 O7 P'
DT DNA linking THYMIDINE-5'-MONOPHOSPHATE 'C10 H15 N2 O8 P'
#
# COMPACT_ATOMS: atom_id res chain seq x y z
P BGM A 16 -3.96 -1.23 1.76
OP1 BGM A 16 -5.07 -1.11 2.74
OP2 BGM A 16 -4.09 -0.48 0.49
O5' BGM A 16 -2.59 -0.77 2.49
C5' BGM A 16 -1.32 -1.10 1.93
C4' BGM A 16 -0.25 -0.18 2.45
O4' BGM A 16 0.97 -0.42 1.69
C1' BGM A 16 1.41 0.79 1.08
N9 BGM A 16 2.02 0.47 -0.23
C8 BGM A 16 3.35 0.54 -0.56
N7 BGM A 16 3.60 0.23 -1.80
C5 BGM A 16 2.37 -0.08 -2.33
C4 BGM A 16 1.37 0.07 -1.38
N3 BGM A 16 0.03 -0.14 -1.52
C2 BGM A 16 -0.28 -0.53 -2.75
N2 BGM A 16 -1.57 -0.78 -3.06
N1 BGM A 16 0.63 -0.71 -3.78
C6 BGM A 16 2.01 -0.49 -3.65
O6 BGM A 16 2.76 -0.67 -4.61
C2' BGM A 16 0.18 1.67 1.02
C3' BGM A 16 -0.54 1.31 2.31
O3' BGM A 16 0.01 2.05 3.43
BR BGM A 16 4.72 1.04 0.66
H5' BGM A 16 -1.36 -1.00 0.85
H5'' BGM A 16 -1.06 -2.12 2.18
H4' BGM A 16 -0.13 -0.38 3.52
H1' BGM A 16 2.17 1.24 1.72
H21 BGM A 16 -1.83 -1.08 -3.99
H22 BGM A 16 -2.29 -0.67 -2.35
H1 BGM A 16 0.29 -0.99 -4.67
H2' BGM A 16 -0.45 1.46 0.14
H2'' BGM A 16 0.43 2.73 0.98
H3' BGM A 16 -1.61 1.49 2.24
P BGM A 16 -3.80 -1.35 1.89
OP1 BGM A 16 -4.92 -1.29 2.87
OP2 BGM A 16 -3.96 -0.61 0.62
O5' BGM A 16 -2.46 -0.86 2.62
C5' BGM A 16 -1.18 -1.15 2.07
C4' BGM A 16 -0.13 -0.22 2.62
O4' BGM A 16 1.10 -0.40 1.85
C1' BGM A 16 1.48 0.83 1.24
N9 BGM A 16 2.07 0.52 -0.08
C8 BGM A 16 3.40 0.60 -0.44
N7 BGM A 16 3.64 0.29 -1.68
C5 BGM A 16 2.40 -0.02 -2.19
C4 BGM A 16 1.41 0.11 -1.23
N3 BGM A 16 0.08 -0.12 -1.36
C2 BGM A 16 -0.25 -0.50 -2.59
N2 BGM A 16 -1.53 -0.76 -2.89
N1 BGM A 16 0.66 -0.66 -3.62
C6 BGM A 16 2.03 -0.44 -3.51
O6 BGM A 16 2.77 -0.60 -4.48
C2' BGM A 16 0.21 1.67 1.20
C3' BGM A 16 -0.47 1.27 2.50
O3' BGM A 16 0.08 2.01 3.60
BR BGM A 16 4.77 1.13 0.77
H5' BGM A 16 -1.21 -1.05 1.00
H5'' BGM A 16 -0.91 -2.17 2.34
H4' BGM A 16 -0.01 -0.42 3.68
H1' BGM A 16 2.23 1.29 1.87
H21 BGM A 16 -1.79 -1.06 -3.81
H22 BGM A 16 -2.24 -0.67 -2.17
H1 BGM A 16 0.31 -0.96 -4.52
H2' BGM A 16 -0.41 1.44 0.33
H2'' BGM A 16 0.43 2.73 1.17
H3' BGM A 16 -1.55 1.42 2.46
P BGM A 16 -4.20 -1.44 1.73
OP1 BGM A 16 -5.35 -1.34 2.67
OP2 BGM A 16 -4.30 -0.68 0.46
O5' BGM A 16 -2.87 -1.01 2.50
C5' BGM A 16 -1.58 -1.31 1.98
C4' BGM A 16 -0.52 -0.41 2.57
O4' BGM A 16 0.73 -0.64 1.85
C1' BGM A 16 1.19 0.57 1.28
N9 BGM A 16 1.85 0.26 -0.02
C8 BGM A 16 3.20 0.32 -0.30
N7 BGM A 16 3.49 0.02 -1.53
C5 BGM A 16 2.27 -0.27 -2.11
C4 BGM A 16 1.24 -0.13 -1.19
N3 BGM A 16 -0.08 -0.32 -1.39
C2 BGM A 16 -0.36 -0.69 -2.64
N2 BGM A 16 -1.64 -0.93 -2.99
N1 BGM A 16 0.59 -0.85 -3.62
C6 BGM A 16 1.97 -0.66 -3.44
O6 BGM A 16 2.75 -0.82 -4.39
C2' BGM A 16 -0.03 1.46 1.18
C3' BGM A 16 -0.80 1.09 2.43
O3' BGM A 16 -0.29 1.79 3.57
BR BGM A 16 4.52 0.80 0.98
H5' BGM A 16 -1.59 -1.20 0.90
H5'' BGM A 16 -1.34 -2.35 2.23
H4' BGM A 16 -0.45 -0.63 3.64
H1' BGM A 16 1.94 1.00 1.95
H21 BGM A 16 -1.87 -1.21 -3.93
H22 BGM A 16 -2.38 -0.83 -2.31
H1 BGM A 16 0.27 -1.13 -4.54
H2' BGM A 16 -0.62 1.26 0.28
H2'' BGM A 16 0.23 2.52 1.18
H3' BGM A 16 -1.86 1.27 2.34
P BGM A 16 -3.87 -1.27 2.00
OP1 BGM A 16 -4.95 -1.17 3.02
OP2 BGM A 16 -4.07 -0.53 0.73
O5' BGM A 16 -2.49 -0.81 2.66
C5' BGM A 16 -1.24 -1.10 2.06
C4' BGM A 16 -0.15 -0.16 2.54
O4' BGM A 16 1.04 -0.39 1.74
C1' BGM A 16 1.44 0.83 1.13
N9 BGM A 16 2.03 0.53 -0.21
C8 BGM A 16 3.35 0.64 -0.57
N7 BGM A 16 3.58 0.33 -1.82
C5 BGM A 16 2.32 0.00 -2.32
C4 BGM A 16 1.35 0.11 -1.33
N3 BGM A 16 0.03 -0.13 -1.44
C2 BGM A 16 -0.32 -0.53 -2.66
N2 BGM A 16 -1.60 -0.82 -2.93
N1 BGM A 16 0.58 -0.68 -3.71
C6 BGM A 16 1.94 -0.42 -3.62
O6 BGM A 16 2.67 -0.58 -4.61
C2' BGM A 16 0.19 1.69 1.10
C3' BGM A 16 -0.47 1.32 2.40
O3' BGM A 16 0.09 2.05 3.51
BR BGM A 16 4.73 1.18 0.60
H5' BGM A 16 -1.33 -1.00 0.97
H5'' BGM A 16 -0.95 -2.13 2.30
H4' BGM A 16 0.00 -0.36 3.61
H1' BGM A 16 2.21 1.28 1.76
H21 BGM A 16 -1.88 -1.12 -3.85
H22 BGM A 16 -2.30 -0.73 -2.21
H1 BGM A 16 0.21 -0.98 -4.60
H2' BGM A 16 -0.44 1.47 0.24
H2'' BGM A 16 0.43 2.76 1.07
H3' BGM A 16 -1.55 1.49 2.37
P BGM A 16 -3.86 -1.27 2.00
OP1 BGM A 16 -4.93 -1.18 3.02
OP2 BGM A 16 -4.05 -0.53 0.73
O5' BGM A 16 -2.47 -0.81 2.67
C5' BGM A 16 -1.22 -1.10 2.05
C4' BGM A 16 -0.14 -0.17 2.54
O4' BGM A 16 1.06 -0.38 1.74
C1' BGM A 16 1.46 0.83 1.13
N9 BGM A 16 2.04 0.54 -0.19
C8 BGM A 16 3.37 0.65 -0.57
N7 BGM A 16 3.60 0.34 -1.81
C5 BGM A 16 2.35 0.00 -2.32
C4 BGM A 16 1.38 0.12 -1.33
N3 BGM A 16 0.04 -0.14 -1.43
C2 BGM A 16 -0.31 -0.53 -2.66
N2 BGM A 16 -1.59 -0.82 -2.92
N1 BGM A 16 0.59 -0.68 -3.70
C6 BGM A 16 1.97 -0.42 -3.62
O6 BGM A 16 2.68 -0.57 -4.61
C2' BGM A 16 0.22 1.70 1.10
C3' BGM A 16 -0.46 1.32 2.41
O3' BGM A 16 0.10 2.05 3.51
BR BGM A 16 4.75 1.19 0.61
H5' BGM A 16 -1.31 -1.01 0.97
H5'' BGM A 16 -0.93 -2.12 2.30
H4' BGM A 16 0.02 -0.36 3.60
H1' BGM A 16 2.23 1.28 1.76
H21 BGM A 16 -1.86 -1.12 -3.85
H22 BGM A 16 -2.29 -0.73 -2.19
H1 BGM A 16 0.23 -0.97 -4.60
H2' BGM A 16 -0.42 1.47 0.25
H2'' BGM A 16 0.45 2.76 1.07
H3' BGM A 16 -1.54 1.49 2.38
P BGM A 16 -3.85 -1.25 1.99
OP1 BGM A 16 -4.93 -1.13 3.01
OP2 BGM A 16 -4.04 -0.50 0.71
O5' BGM A 16 -2.47 -0.79 2.65
C5' BGM A 16 -1.21 -1.09 2.04
C4' BGM A 16 -0.12 -0.16 2.51
O4' BGM A 16 1.07 -0.39 1.71
C1' BGM A 16 1.48 0.83 1.11
N9 BGM A 16 2.06 0.53 -0.23
C8 BGM A 16 3.37 0.64 -0.61
N7 BGM A 16 3.60 0.33 -1.86
C5 BGM A 16 2.35 -0.01 -2.35
C4 BGM A 16 1.37 0.10 -1.35
N3 BGM A 16 0.05 -0.14 -1.45
C2 BGM A 16 -0.31 -0.54 -2.68
N2 BGM A 16 -1.59 -0.83 -2.93
N1 BGM A 16 0.58 -0.69 -3.73
C6 BGM A 16 1.95 -0.44 -3.65
O6 BGM A 16 2.68 -0.60 -4.64
C2' BGM A 16 0.24 1.71 1.08
C3' BGM A 16 -0.43 1.32 2.38
O3' BGM A 16 0.14 2.05 3.49
BR BGM A 16 4.77 1.18 0.56
H5' BGM A 16 -1.30 -0.98 0.95
H5'' BGM A 16 -0.92 -2.12 2.27
H4' BGM A 16 0.05 -0.36 3.58
H1' BGM A 16 2.25 1.27 1.73
H21 BGM A 16 -1.87 -1.14 -3.86
H22 BGM A 16 -2.28 -0.74 -2.20
H1 BGM A 16 0.21 -1.00 -4.62
H2' BGM A 16 -0.41 1.49 0.23
H2'' BGM A 16 0.47 2.76 1.05
H3' BGM A 16 -1.51 1.50 2.36
P BGM A 16 -3.89 -1.27 2.00
OP1 BGM A 16 -4.96 -1.17 3.01
OP2 BGM A 16 -4.07 -0.52 0.73
O5' BGM A 16 -2.51 -0.82 2.67
C5' BGM A 16 -1.25 -1.10 2.06
C4' BGM A 16 -0.16 -0.17 2.56
O4' BGM A 16 1.03 -0.38 1.76
C1' BGM A 16 1.44 0.83 1.15
N9 BGM A 16 2.03 0.53 -0.17
C8 BGM A 16 3.35 0.63 -0.54
N7 BGM A 16 3.58 0.33 -1.79
C5 BGM A 16 2.33 -0.01 -2.29
C4 BGM A 16 1.35 0.11 -1.31
N3 BGM A 16 0.03 -0.13 -1.42
C2 BGM A 16 -0.32 -0.52 -2.65
N2 BGM A 16 -1.60 -0.81 -2.92
N1 BGM A 16 0.58 -0.67 -3.68
C6 BGM A 16 1.96 -0.43 -3.60
O6 BGM A 16 2.68 -0.57 -4.58
C2' BGM A 16 0.19 1.70 1.12
C3' BGM A 16 -0.49 1.31 2.43
O3' BGM A 16 0.08 2.05 3.53
BR BGM A 16 4.73 1.16 0.65
H5' BGM A 16 -1.33 -1.00 0.98
H5'' BGM A 16 -0.96 -2.13 2.31
H4' BGM A 16 -0.02 -0.37 3.62
H1' BGM A 16 2.20 1.29 1.78
H21 BGM A 16 -1.87 -1.11 -3.84
H22 BGM A 16 -2.29 -0.72 -2.19
H1 BGM A 16 0.22 -0.97 -4.58
H2' BGM A 16 -0.45 1.46 0.27
H2'' BGM A 16 0.42 2.75 1.08
H3' BGM A 16 -1.56 1.49 2.39
P BGM A 16 -3.88 -1.13 2.08
OP1 BGM A 16 -5.00 -1.01 3.04
OP2 BGM A 16 -4.00 -0.38 0.79
O5' BGM A 16 -2.53 -0.67 2.80
C5' BGM A 16 -1.25 -1.00 2.27
C4' BGM A 16 -0.18 -0.05 2.78
O4' BGM A 16 1.05 -0.32 2.05
C1' BGM A 16 1.45 0.85 1.36
N9 BGM A 16 2.05 0.46 0.07
C8 BGM A 16 3.39 0.47 -0.27
N7 BGM A 16 3.63 0.13 -1.51
C5 BGM A 16 2.38 -0.14 -2.03
C4 BGM A 16 1.39 0.06 -1.08
N3 BGM A 16 0.05 -0.10 -1.22
C2 BGM A 16 -0.29 -0.50 -2.44
N2 BGM A 16 -1.58 -0.71 -2.76
N1 BGM A 16 0.62 -0.71 -3.46
C6 BGM A 16 2.00 -0.56 -3.34
O6 BGM A 16 2.75 -0.78 -4.30
C2' BGM A 16 0.21 1.72 1.26
C3' BGM A 16 -0.47 1.43 2.58
O3' BGM A 16 0.12 2.21 3.64
BR BGM A 16 4.78 0.93 0.94
H5' BGM A 16 -1.28 -0.93 1.18
H5'' BGM A 16 -0.99 -2.01 2.56
H4' BGM A 16 -0.08 -0.21 3.87
H1' BGM A 16 2.22 1.35 1.96
H21 BGM A 16 -1.84 -1.01 -3.68
H22 BGM A 16 -2.29 -0.56 -2.04
H1 BGM A 16 0.27 -1.01 -4.36
H2' BGM A 16 -0.42 1.42 0.41
H2'' BGM A 16 0.45 2.77 1.14
H3' BGM A 16 -1.54 1.62 2.54
P BGM A 16 -3.98 -1.21 1.74
OP1 BGM A 16 -5.09 -1.11 2.71
OP2 BGM A 16 -4.11 -0.47 0.46
O5' BGM A 16 -2.62 -0.76 2.47
C5' BGM A 16 -1.35 -1.08 1.91
C4' BGM A 16 -0.27 -0.15 2.44
O4' BGM A 16 0.95 -0.38 1.69
C1' BGM A 16 1.38 0.83 1.07
N9 BGM A 16 1.99 0.50 -0.24
C8 BGM A 16 3.33 0.57 -0.57
N7 BGM A 16 3.59 0.26 -1.80
C5 BGM A 16 2.35 -0.05 -2.33
C4 BGM A 16 1.35 0.09 -1.38
N3 BGM A 16 0.01 -0.11 -1.53
C2 BGM A 16 -0.30 -0.51 -2.76
N2 BGM A 16 -1.59 -0.76 -3.07
N1 BGM A 16 0.62 -0.68 -3.77
C6 BGM A 16 1.99 -0.46 -3.66
O6 BGM A 16 2.74 -0.65 -4.62
C2' BGM A 16 0.14 1.71 1.00
C3' BGM A 16 -0.58 1.34 2.28
O3' BGM A 16 -0.05 2.07 3.40
BR BGM A 16 4.70 1.07 0.66
H5' BGM A 16 -1.38 -1.00 0.84
H5'' BGM A 16 -1.08 -2.11 2.18
H4' BGM A 16 -0.16 -0.34 3.51
H1' BGM A 16 2.13 1.27 1.72
H21 BGM A 16 -1.84 -1.06 -4.01
H22 BGM A 16 -2.31 -0.64 -2.37
H1 BGM A 16 0.28 -0.97 -4.68
H2' BGM A 16 -0.47 1.48 0.13
H2'' BGM A 16 0.39 2.76 0.97
H3' BGM A 16 -1.66 1.51 2.21
P BGM A 16 -3.97 -1.23 1.71
OP1 BGM A 16 -5.10 -1.13 2.68
OP2 BGM A 16 -4.10 -0.47 0.43
O5' BGM A 16 -2.62 -0.79 2.44
C5' BGM A 16 -1.35 -1.10 1.89
C4' BGM A 16 -0.27 -0.18 2.43
O4' BGM A 16 0.96 -0.41 1.67
C1' BGM A 16 1.40 0.80 1.08
N9 BGM A 16 2.02 0.49 -0.23
C8 BGM A 16 3.35 0.57 -0.55
N7 BGM A 16 3.62 0.26 -1.79
C5 BGM A 16 2.38 -0.05 -2.33
C4 BGM A 16 1.38 0.08 -1.39
N3 BGM A 16 0.05 -0.13 -1.54
C2 BGM A 16 -0.26 -0.51 -2.77
N2 BGM A 16 -1.55 -0.76 -3.09
N1 BGM A 16 0.66 -0.67 -3.78
C6 BGM A 16 2.04 -0.46 -3.65
O6 BGM A 16 2.79 -0.63 -4.62
C2' BGM A 16 0.16 1.68 1.00
C3' BGM A 16 -0.57 1.31 2.28
O3' BGM A 16 -0.05 2.03 3.41
BR BGM A 16 4.71 1.07 0.68
H5' BGM A 16 -1.37 -1.00 0.81
H5'' BGM A 16 -1.08 -2.13 2.14
H4' BGM A 16 -0.16 -0.38 3.49
H1' BGM A 16 2.15 1.24 1.73
H21 BGM A 16 -1.80 -1.07 -4.02
H22 BGM A 16 -2.26 -0.66 -2.38
H1 BGM A 16 0.32 -0.97 -4.69
H2' BGM A 16 -0.44 1.48 0.12
H2'' BGM A 16 0.42 2.74 0.99
H3' BGM A 16 -1.64 1.49 2.20
#